data_6I5G
#
_entry.id   6I5G
#
_cell.length_a   89.490
_cell.length_b   79.992
_cell.length_c   104.544
_cell.angle_alpha   90.00
_cell.angle_beta   96.78
_cell.angle_gamma   90.00
#
_symmetry.space_group_name_H-M   'I 1 2 1'
#
loop_
_entity.id
_entity.type
_entity.pdbx_description
1 polymer 'Bifunctional epoxide hydrolase 2'
2 non-polymer 1,2-ETHANEDIOL
3 non-polymer '(5E,14E)-11-oxoprosta-5,9,12,14-tetraen-1-oic acid'
4 water water
#
_entity_poly.entity_id   1
_entity_poly.type   'polypeptide(L)'
_entity_poly.pdbx_seq_one_letter_code
;MHHHHHHSTENLYFQGSSTSCNPSDMSHGYVTVKPRVRLHFVELGSGPAVCLCHGFPESWYSWRYQIPALAQAGYRVLAM
DMKGYGESSAPPEIEEYCMEVLCKEMVTFLDKLGLSQAVFIGHDWGGMLVWYMALFYPERVRAVASLNTPFIPANPNMSP
LESIKANPVFDYQLYFQEPGVAEAELEQNLSRTFKSLFRASDESVLSMHKVCEAGGLFVNSPEEPSLSRMVTEEEIQFYV
QQFKKSGFRGPLNWYRNMERNWKWACKSLGRKILIPALMVTAEKDFVLVPQMSQHMEDWIPHLKRGHIEDCGHWTQMDKP
TEVNQILIKWLDSDARNPPVVSKM
;
_entity_poly.pdbx_strand_id   A,B
#
# COMPACT_ATOMS: atom_id res chain seq x y z
N THR A 19 -8.87 25.30 27.50
CA THR A 19 -8.83 23.86 27.84
C THR A 19 -8.26 23.05 26.66
N SER A 20 -8.73 23.25 25.41
CA SER A 20 -8.29 22.44 24.21
C SER A 20 -7.48 23.23 23.10
N CYS A 21 -7.29 22.58 21.96
CA CYS A 21 -6.54 23.12 20.84
C CYS A 21 -7.46 23.32 19.68
N ASN A 22 -7.29 24.44 18.99
CA ASN A 22 -7.95 24.68 17.74
C ASN A 22 -6.90 24.35 16.66
N PRO A 23 -7.14 23.31 15.82
CA PRO A 23 -6.12 22.85 14.86
C PRO A 23 -5.48 23.95 14.01
N SER A 24 -6.28 24.82 13.42
CA SER A 24 -5.76 25.88 12.52
C SER A 24 -4.95 26.92 13.30
N ASP A 25 -5.16 27.00 14.59
CA ASP A 25 -4.28 27.74 15.49
C ASP A 25 -2.97 27.07 15.96
N MET A 26 -2.62 25.87 15.53
CA MET A 26 -1.36 25.27 15.98
C MET A 26 -0.18 25.53 15.01
N SER A 27 1.04 25.42 15.52
CA SER A 27 2.20 25.20 14.69
C SER A 27 2.24 23.74 14.22
N HIS A 28 2.31 23.55 12.91
CA HIS A 28 2.37 22.23 12.26
C HIS A 28 3.76 22.06 11.66
N GLY A 29 4.40 20.99 12.10
CA GLY A 29 5.71 20.55 11.60
C GLY A 29 5.68 19.24 10.82
N TYR A 30 6.59 19.14 9.87
CA TYR A 30 6.75 17.98 8.99
C TYR A 30 8.22 17.63 8.91
N VAL A 31 8.54 16.38 9.15
CA VAL A 31 9.90 15.87 9.03
C VAL A 31 9.85 14.61 8.17
N THR A 32 10.67 14.58 7.13
CA THR A 32 10.91 13.38 6.33
C THR A 32 11.88 12.45 6.99
N VAL A 33 11.43 11.26 7.32
CA VAL A 33 12.27 10.34 8.07
C VAL A 33 12.90 9.32 7.14
N LYS A 34 12.33 9.13 5.97
CA LYS A 34 12.96 8.39 4.92
C LYS A 34 12.28 8.79 3.59
N PRO A 35 12.84 8.36 2.46
CA PRO A 35 12.27 8.79 1.17
C PRO A 35 10.75 8.69 1.13
N ARG A 36 10.20 7.55 1.47
CA ARG A 36 8.74 7.40 1.33
C ARG A 36 7.87 8.31 2.33
N VAL A 37 8.46 8.72 3.46
CA VAL A 37 7.71 8.84 4.72
C VAL A 37 7.97 10.17 5.41
N ARG A 38 6.95 10.97 5.63
CA ARG A 38 7.06 12.15 6.48
C ARG A 38 6.13 11.98 7.68
N LEU A 39 6.59 12.48 8.83
CA LEU A 39 5.81 12.56 10.05
C LEU A 39 5.39 13.99 10.33
N HIS A 40 4.10 14.15 10.57
CA HIS A 40 3.53 15.43 10.96
C HIS A 40 3.33 15.48 12.45
N PHE A 41 3.44 16.67 12.98
CA PHE A 41 3.22 16.88 14.39
C PHE A 41 2.82 18.32 14.61
N VAL A 42 2.26 18.56 15.77
CA VAL A 42 1.86 19.87 16.23
C VAL A 42 2.76 20.21 17.41
N GLU A 43 3.16 21.49 17.52
CA GLU A 43 4.21 21.86 18.49
C GLU A 43 3.75 23.04 19.34
N LEU A 44 3.83 22.95 20.66
CA LEU A 44 3.44 24.08 21.52
C LEU A 44 4.31 24.13 22.74
N GLY A 45 4.86 25.30 23.05
CA GLY A 45 5.52 25.50 24.33
C GLY A 45 7.01 25.58 24.21
N SER A 46 7.63 25.90 25.32
CA SER A 46 9.08 25.93 25.44
C SER A 46 9.43 25.12 26.67
N GLY A 47 10.65 24.60 26.66
CA GLY A 47 11.21 23.88 27.78
C GLY A 47 11.60 22.50 27.32
N PRO A 48 11.82 21.56 28.26
CA PRO A 48 12.20 20.19 27.82
C PRO A 48 11.19 19.57 26.84
N ALA A 49 11.71 18.85 25.85
CA ALA A 49 10.87 18.27 24.80
C ALA A 49 10.09 17.09 25.31
N VAL A 50 8.77 17.11 25.04
CA VAL A 50 7.89 16.04 25.45
C VAL A 50 7.19 15.60 24.19
N CYS A 51 7.41 14.36 23.78
CA CYS A 51 6.82 13.82 22.55
C CYS A 51 5.61 12.93 22.92
N LEU A 52 4.43 13.32 22.41
CA LEU A 52 3.15 12.60 22.71
C LEU A 52 2.78 11.68 21.54
N CYS A 53 2.50 10.41 21.86
CA CYS A 53 2.29 9.38 20.91
C CYS A 53 0.95 8.66 21.20
N HIS A 54 -0.03 8.87 20.28
CA HIS A 54 -1.40 8.37 20.37
C HIS A 54 -1.55 6.92 19.96
N GLY A 55 -2.72 6.37 20.25
CA GLY A 55 -3.01 4.97 19.92
C GLY A 55 -3.95 4.80 18.75
N PHE A 56 -4.55 3.62 18.68
CA PHE A 56 -5.44 3.24 17.57
C PHE A 56 -6.89 3.51 17.95
N PRO A 57 -7.77 4.10 17.10
CA PRO A 57 -7.43 4.72 15.82
C PRO A 57 -7.54 6.20 16.08
N GLU A 58 -6.44 6.86 16.49
CA GLU A 58 -6.57 8.23 17.00
C GLU A 58 -5.83 9.28 16.13
N SER A 59 -5.24 10.27 16.75
CA SER A 59 -4.74 11.49 16.11
C SER A 59 -3.89 12.21 17.14
N TRP A 60 -3.02 13.12 16.68
CA TRP A 60 -2.40 14.10 17.61
C TRP A 60 -3.45 14.77 18.44
N TYR A 61 -4.60 15.01 17.83
CA TYR A 61 -5.75 15.67 18.45
C TYR A 61 -6.31 14.98 19.68
N SER A 62 -6.04 13.70 19.83
CA SER A 62 -6.39 13.00 21.07
C SER A 62 -5.70 13.57 22.28
N TRP A 63 -4.62 14.32 22.05
CA TRP A 63 -3.93 15.01 23.09
C TRP A 63 -4.38 16.44 23.32
N ARG A 64 -5.50 16.83 22.75
CA ARG A 64 -5.93 18.20 22.74
C ARG A 64 -6.01 18.91 24.09
N TYR A 65 -6.31 18.18 25.12
CA TYR A 65 -6.38 18.72 26.49
C TYR A 65 -5.07 18.71 27.21
N GLN A 66 -4.17 17.85 26.81
CA GLN A 66 -2.86 17.82 27.42
C GLN A 66 -1.91 18.84 26.83
N ILE A 67 -2.02 19.06 25.52
CA ILE A 67 -1.05 19.94 24.85
C ILE A 67 -0.93 21.34 25.49
N PRO A 68 -2.05 22.06 25.70
CA PRO A 68 -1.92 23.40 26.32
C PRO A 68 -1.48 23.29 27.78
N ALA A 69 -1.98 22.29 28.45
CA ALA A 69 -1.63 22.11 29.84
C ALA A 69 -0.14 21.86 30.11
N LEU A 70 0.47 20.98 29.33
CA LEU A 70 1.92 20.76 29.48
C LEU A 70 2.74 21.93 29.01
N ALA A 71 2.30 22.60 27.93
CA ALA A 71 2.98 23.80 27.45
C ALA A 71 2.96 24.88 28.54
N GLN A 72 1.78 25.13 29.07
CA GLN A 72 1.66 26.03 30.26
C GLN A 72 2.51 25.57 31.50
N ALA A 73 2.73 24.30 31.71
CA ALA A 73 3.57 23.87 32.84
C ALA A 73 5.07 23.96 32.58
N GLY A 74 5.45 24.42 31.40
CA GLY A 74 6.85 24.71 31.09
C GLY A 74 7.54 23.64 30.27
N TYR A 75 6.79 23.01 29.35
CA TYR A 75 7.35 21.94 28.52
C TYR A 75 7.14 22.32 27.06
N ARG A 76 8.04 21.85 26.22
CA ARG A 76 7.87 21.92 24.77
C ARG A 76 7.23 20.63 24.26
N VAL A 77 5.99 20.74 23.84
CA VAL A 77 5.19 19.57 23.44
C VAL A 77 5.15 19.35 21.94
N LEU A 78 5.47 18.12 21.55
CA LEU A 78 5.35 17.67 20.22
C LEU A 78 4.37 16.51 20.21
N ALA A 79 3.19 16.79 19.65
CA ALA A 79 2.14 15.78 19.57
C ALA A 79 2.13 15.24 18.17
N MET A 80 2.50 13.97 18.02
CA MET A 80 2.65 13.30 16.73
C MET A 80 1.31 12.91 16.08
N ASP A 81 1.22 13.03 14.75
CA ASP A 81 0.42 12.07 13.99
C ASP A 81 1.33 10.84 13.79
N MET A 82 0.99 9.69 14.38
CA MET A 82 1.93 8.54 14.22
C MET A 82 1.83 8.05 12.76
N LYS A 83 2.78 7.24 12.35
CA LYS A 83 2.78 6.72 11.00
C LYS A 83 1.46 5.97 10.73
N GLY A 84 0.84 6.27 9.58
CA GLY A 84 -0.43 5.79 9.15
C GLY A 84 -1.60 6.73 9.39
N TYR A 85 -1.38 7.87 10.04
CA TYR A 85 -2.45 8.70 10.54
C TYR A 85 -2.36 10.15 10.06
N GLY A 86 -3.51 10.75 9.80
CA GLY A 86 -3.63 12.22 9.69
C GLY A 86 -2.81 12.74 8.56
N GLU A 87 -1.87 13.63 8.86
CA GLU A 87 -1.01 14.17 7.80
C GLU A 87 0.31 13.47 7.62
N SER A 88 0.58 12.44 8.41
CA SER A 88 1.78 11.66 8.26
C SER A 88 1.57 10.65 7.16
N SER A 89 2.65 10.17 6.60
CA SER A 89 2.51 9.24 5.48
C SER A 89 1.90 7.95 5.99
N ALA A 90 1.30 7.24 5.05
CA ALA A 90 0.61 5.98 5.29
C ALA A 90 0.93 4.94 4.23
N PRO A 91 2.20 4.50 4.12
CA PRO A 91 2.46 3.49 3.11
C PRO A 91 1.61 2.18 3.38
N PRO A 92 1.30 1.38 2.34
CA PRO A 92 0.41 0.24 2.59
C PRO A 92 1.08 -1.04 3.18
N GLU A 93 2.36 -1.24 3.03
CA GLU A 93 2.98 -2.51 3.45
C GLU A 93 2.91 -2.74 4.98
N ILE A 94 2.57 -3.95 5.39
CA ILE A 94 2.34 -4.28 6.76
C ILE A 94 3.60 -3.97 7.55
N GLU A 95 4.76 -4.35 7.02
CA GLU A 95 6.01 -4.36 7.79
C GLU A 95 6.57 -2.95 8.03
N GLU A 96 6.01 -1.93 7.38
CA GLU A 96 6.35 -0.54 7.65
C GLU A 96 5.82 -0.12 9.00
N TYR A 97 4.99 -0.96 9.60
CA TYR A 97 4.41 -0.64 10.90
C TYR A 97 4.81 -1.61 12.03
N CYS A 98 5.92 -2.31 11.91
CA CYS A 98 6.40 -3.10 13.05
C CYS A 98 7.16 -2.16 13.96
N MET A 99 7.21 -2.49 15.25
CA MET A 99 7.82 -1.64 16.24
C MET A 99 9.25 -1.26 15.84
N GLU A 100 9.99 -2.22 15.26
CA GLU A 100 11.37 -1.96 14.90
C GLU A 100 11.48 -0.79 13.88
N VAL A 101 10.65 -0.80 12.83
CA VAL A 101 10.66 0.26 11.84
C VAL A 101 10.18 1.60 12.48
N LEU A 102 9.06 1.58 13.21
CA LEU A 102 8.50 2.78 13.81
C LEU A 102 9.45 3.42 14.79
N CYS A 103 10.16 2.63 15.59
CA CYS A 103 11.11 3.16 16.49
C CYS A 103 12.33 3.83 15.82
N LYS A 104 12.89 3.21 14.80
CA LYS A 104 14.00 3.83 14.06
C LYS A 104 13.56 5.15 13.48
N GLU A 105 12.36 5.17 12.96
CA GLU A 105 11.83 6.38 12.37
C GLU A 105 11.65 7.50 13.41
N MET A 106 11.19 7.13 14.61
CA MET A 106 11.12 8.13 15.67
C MET A 106 12.50 8.68 16.09
N VAL A 107 13.51 7.83 16.02
CA VAL A 107 14.91 8.26 16.24
C VAL A 107 15.36 9.24 15.16
N THR A 108 15.05 8.93 13.93
CA THR A 108 15.43 9.84 12.87
C THR A 108 14.68 11.19 13.06
N PHE A 109 13.41 11.12 13.49
CA PHE A 109 12.61 12.31 13.77
C PHE A 109 13.38 13.21 14.75
N LEU A 110 13.80 12.64 15.85
CA LEU A 110 14.60 13.42 16.81
C LEU A 110 15.88 14.03 16.17
N ASP A 111 16.55 13.22 15.40
CA ASP A 111 17.81 13.62 14.79
C ASP A 111 17.59 14.81 13.92
N LYS A 112 16.57 14.77 13.09
CA LYS A 112 16.34 15.84 12.12
C LYS A 112 15.95 17.11 12.83
N LEU A 113 15.23 17.00 13.93
CA LEU A 113 14.92 18.17 14.79
C LEU A 113 16.10 18.65 15.68
N GLY A 114 17.18 17.88 15.72
CA GLY A 114 18.35 18.18 16.49
C GLY A 114 18.08 18.07 17.98
N LEU A 115 17.24 17.09 18.34
CA LEU A 115 16.99 16.76 19.75
C LEU A 115 17.79 15.54 20.17
N SER A 116 18.62 15.65 21.19
CA SER A 116 19.37 14.47 21.62
C SER A 116 18.51 13.52 22.44
N GLN A 117 17.51 14.08 23.14
CA GLN A 117 16.53 13.33 23.89
C GLN A 117 15.17 13.99 23.93
N ALA A 118 14.17 13.21 24.27
CA ALA A 118 12.87 13.74 24.66
C ALA A 118 12.21 12.83 25.64
N VAL A 119 11.27 13.37 26.39
CA VAL A 119 10.41 12.55 27.19
C VAL A 119 9.37 11.97 26.25
N PHE A 120 9.14 10.66 26.33
CA PHE A 120 8.13 10.02 25.48
C PHE A 120 6.92 9.60 26.31
N ILE A 121 5.74 9.99 25.85
CA ILE A 121 4.49 9.70 26.54
C ILE A 121 3.56 9.11 25.50
N GLY A 122 3.17 7.86 25.70
CA GLY A 122 2.25 7.24 24.81
C GLY A 122 0.98 6.69 25.42
N HIS A 123 0.04 6.36 24.55
CA HIS A 123 -1.21 5.73 24.93
C HIS A 123 -1.54 4.65 23.94
N ASP A 124 -1.98 3.51 24.48
CA ASP A 124 -2.43 2.39 23.67
C ASP A 124 -1.21 1.94 22.82
N TRP A 125 -1.35 1.82 21.48
CA TRP A 125 -0.21 1.52 20.61
C TRP A 125 0.95 2.51 20.73
N GLY A 126 0.67 3.76 21.06
CA GLY A 126 1.73 4.72 21.30
C GLY A 126 2.49 4.39 22.56
N GLY A 127 1.77 3.85 23.55
CA GLY A 127 2.38 3.38 24.80
C GLY A 127 3.37 2.23 24.53
N MET A 128 2.92 1.25 23.76
CA MET A 128 3.78 0.18 23.33
C MET A 128 5.07 0.73 22.71
N LEU A 129 4.90 1.68 21.78
CA LEU A 129 5.99 2.31 21.07
C LEU A 129 6.94 2.92 22.06
N VAL A 130 6.43 3.67 23.02
CA VAL A 130 7.34 4.37 23.91
C VAL A 130 8.10 3.40 24.80
N TRP A 131 7.48 2.28 25.17
CA TRP A 131 8.20 1.29 25.99
C TRP A 131 9.39 0.71 25.18
N TYR A 132 9.15 0.34 23.94
CA TYR A 132 10.22 -0.16 23.08
C TYR A 132 11.30 0.94 22.79
N MET A 133 10.92 2.21 22.68
CA MET A 133 11.90 3.30 22.59
C MET A 133 12.82 3.32 23.83
N ALA A 134 12.19 3.21 24.99
CA ALA A 134 12.94 3.21 26.24
C ALA A 134 13.84 1.99 26.35
N LEU A 135 13.39 0.88 25.78
CA LEU A 135 14.10 -0.35 25.87
C LEU A 135 15.33 -0.36 24.93
N PHE A 136 15.10 -0.02 23.66
CA PHE A 136 16.11 -0.06 22.62
C PHE A 136 16.88 1.24 22.34
N TYR A 137 16.31 2.39 22.71
CA TYR A 137 16.96 3.71 22.56
C TYR A 137 16.95 4.54 23.84
N PRO A 138 17.41 3.93 24.94
CA PRO A 138 17.37 4.70 26.21
C PRO A 138 18.17 5.96 26.10
N GLU A 139 19.20 5.96 25.25
CA GLU A 139 20.00 7.19 25.11
C GLU A 139 19.19 8.35 24.49
N ARG A 140 18.17 8.05 23.72
CA ARG A 140 17.31 9.13 23.18
C ARG A 140 16.06 9.45 23.99
N VAL A 141 15.84 8.75 25.12
CA VAL A 141 14.59 8.88 25.90
C VAL A 141 14.91 9.37 27.30
N ARG A 142 14.60 10.64 27.61
CA ARG A 142 14.87 11.19 28.94
C ARG A 142 14.13 10.47 30.08
N ALA A 143 12.88 10.09 29.78
CA ALA A 143 11.94 9.53 30.72
C ALA A 143 10.78 9.05 29.87
N VAL A 144 10.05 8.07 30.39
CA VAL A 144 8.98 7.42 29.64
C VAL A 144 7.76 7.26 30.49
N ALA A 145 6.60 7.54 29.90
CA ALA A 145 5.31 7.35 30.50
C ALA A 145 4.34 6.68 29.56
N SER A 146 3.51 5.77 30.09
CA SER A 146 2.46 5.09 29.31
C SER A 146 1.12 5.25 29.97
N LEU A 147 0.12 5.55 29.14
CA LEU A 147 -1.25 5.47 29.54
C LEU A 147 -1.80 4.16 29.10
N ASN A 148 -2.25 3.37 30.10
CA ASN A 148 -2.97 2.08 29.90
C ASN A 148 -2.09 0.88 29.45
N THR A 149 -1.10 1.09 28.60
CA THR A 149 -0.34 0.02 28.03
C THR A 149 0.81 -0.37 28.98
N PRO A 150 0.83 -1.62 29.47
CA PRO A 150 1.89 -2.05 30.39
C PRO A 150 3.11 -2.35 29.61
N PHE A 151 4.23 -2.48 30.29
CA PHE A 151 5.42 -3.04 29.69
C PHE A 151 5.45 -4.48 30.16
N ILE A 152 5.35 -5.42 29.23
CA ILE A 152 5.43 -6.88 29.51
C ILE A 152 6.62 -7.45 28.75
N PRO A 153 7.63 -7.91 29.45
CA PRO A 153 8.76 -8.50 28.69
C PRO A 153 8.34 -9.74 27.86
N ALA A 154 8.80 -9.85 26.61
CA ALA A 154 8.48 -11.01 25.78
C ALA A 154 8.97 -12.31 26.43
N ASN A 155 8.20 -13.36 26.28
CA ASN A 155 8.67 -14.67 26.68
C ASN A 155 9.08 -15.42 25.39
N PRO A 156 10.38 -15.75 25.23
CA PRO A 156 10.81 -16.55 24.09
C PRO A 156 10.12 -17.90 23.87
N ASN A 157 9.36 -18.42 24.85
CA ASN A 157 8.60 -19.68 24.74
C ASN A 157 7.09 -19.47 24.49
N MET A 158 6.61 -18.25 24.68
CA MET A 158 5.23 -17.86 24.40
C MET A 158 5.25 -17.01 23.13
N SER A 159 4.83 -17.60 22.00
CA SER A 159 4.60 -16.86 20.77
C SER A 159 3.33 -16.05 20.98
N PRO A 160 3.13 -14.98 20.18
CA PRO A 160 2.04 -14.05 20.50
C PRO A 160 0.63 -14.62 20.32
N LEU A 161 0.42 -15.47 19.31
CA LEU A 161 -0.93 -15.89 18.97
C LEU A 161 -1.55 -16.79 20.07
N GLU A 162 -0.73 -17.46 20.87
CA GLU A 162 -1.22 -18.30 21.98
C GLU A 162 -1.77 -17.47 23.13
N SER A 163 -1.00 -16.48 23.59
CA SER A 163 -1.45 -15.53 24.62
C SER A 163 -2.73 -14.76 24.29
N ILE A 164 -2.90 -14.43 23.00
CA ILE A 164 -4.07 -13.66 22.50
C ILE A 164 -5.34 -14.51 22.46
N LYS A 165 -5.21 -15.81 22.13
CA LYS A 165 -6.33 -16.77 22.20
C LYS A 165 -6.77 -17.08 23.62
N ALA A 166 -5.82 -17.15 24.55
CA ALA A 166 -6.15 -17.29 25.97
C ALA A 166 -7.08 -16.16 26.46
N ASN A 167 -6.84 -14.94 25.99
CA ASN A 167 -7.62 -13.77 26.38
C ASN A 167 -8.80 -13.44 25.45
N PRO A 168 -10.05 -13.70 25.89
CA PRO A 168 -11.21 -13.53 25.00
C PRO A 168 -11.50 -12.08 24.52
N VAL A 169 -11.25 -11.10 25.40
CA VAL A 169 -11.42 -9.69 25.03
C VAL A 169 -10.41 -9.22 23.94
N PHE A 170 -9.32 -9.97 23.75
CA PHE A 170 -8.38 -9.77 22.64
C PHE A 170 -8.84 -10.37 21.28
N ASP A 171 -10.06 -10.94 21.18
CA ASP A 171 -10.55 -11.52 19.88
C ASP A 171 -10.64 -10.50 18.74
N TYR A 172 -10.92 -9.24 19.06
CA TYR A 172 -10.93 -8.16 18.06
C TYR A 172 -9.54 -8.07 17.35
N GLN A 173 -8.47 -8.44 18.03
CA GLN A 173 -7.16 -8.36 17.38
C GLN A 173 -7.04 -9.39 16.28
N LEU A 174 -7.77 -10.49 16.41
CA LEU A 174 -7.81 -11.49 15.36
C LEU A 174 -8.66 -11.00 14.17
N TYR A 175 -9.78 -10.38 14.48
CA TYR A 175 -10.59 -9.75 13.46
C TYR A 175 -9.76 -8.73 12.63
N PHE A 176 -8.84 -8.03 13.32
CA PHE A 176 -7.89 -7.11 12.64
C PHE A 176 -6.81 -7.71 11.73
N GLN A 177 -6.59 -9.03 11.74
CA GLN A 177 -5.45 -9.55 10.98
C GLN A 177 -5.58 -9.52 9.49
N GLU A 178 -6.74 -9.92 8.96
CA GLU A 178 -6.92 -10.06 7.52
C GLU A 178 -7.04 -8.69 6.81
N PRO A 179 -6.08 -8.39 5.93
CA PRO A 179 -6.10 -7.10 5.24
C PRO A 179 -7.38 -6.91 4.42
N GLY A 180 -8.01 -5.78 4.63
CA GLY A 180 -9.27 -5.44 3.98
C GLY A 180 -10.51 -5.63 4.81
N VAL A 181 -10.52 -6.57 5.76
CA VAL A 181 -11.79 -6.88 6.46
C VAL A 181 -12.21 -5.80 7.48
N ALA A 182 -11.41 -5.59 8.52
CA ALA A 182 -11.69 -4.51 9.47
C ALA A 182 -11.75 -3.13 8.74
N GLU A 183 -10.92 -2.94 7.69
CA GLU A 183 -10.95 -1.68 6.90
C GLU A 183 -12.33 -1.38 6.37
N ALA A 184 -12.96 -2.34 5.72
CA ALA A 184 -14.30 -2.13 5.13
C ALA A 184 -15.35 -1.76 6.18
N GLU A 185 -15.39 -2.44 7.34
CA GLU A 185 -16.31 -2.03 8.43
C GLU A 185 -16.03 -0.65 9.03
N LEU A 186 -14.75 -0.39 9.39
CA LEU A 186 -14.36 0.90 9.91
C LEU A 186 -14.53 2.09 8.93
N GLU A 187 -14.21 1.87 7.67
CA GLU A 187 -14.39 2.88 6.64
C GLU A 187 -15.82 3.13 6.14
N GLN A 188 -16.73 2.21 6.43
CA GLN A 188 -18.07 2.30 5.88
C GLN A 188 -18.77 3.62 6.17
N ASN A 189 -18.71 4.05 7.42
CA ASN A 189 -19.36 5.28 7.89
C ASN A 189 -18.53 5.81 9.05
N LEU A 190 -17.72 6.82 8.76
CA LEU A 190 -16.69 7.30 9.65
C LEU A 190 -17.29 7.96 10.83
N SER A 191 -18.39 8.67 10.64
CA SER A 191 -19.06 9.24 11.76
C SER A 191 -19.57 8.16 12.76
N ARG A 192 -20.17 7.12 12.21
CA ARG A 192 -20.67 6.02 13.01
C ARG A 192 -19.47 5.34 13.70
N THR A 193 -18.37 5.16 12.96
CA THR A 193 -17.17 4.50 13.51
C THR A 193 -16.72 5.25 14.75
N PHE A 194 -16.48 6.56 14.61
CA PHE A 194 -15.95 7.31 15.75
C PHE A 194 -16.92 7.48 16.84
N LYS A 195 -18.19 7.65 16.52
CA LYS A 195 -19.17 7.76 17.58
C LYS A 195 -19.33 6.45 18.39
N SER A 196 -19.11 5.31 17.76
CA SER A 196 -19.28 4.01 18.42
C SER A 196 -18.04 3.72 19.24
N LEU A 197 -16.86 4.13 18.75
CA LEU A 197 -15.62 3.89 19.46
C LEU A 197 -15.45 4.79 20.68
N PHE A 198 -15.54 6.10 20.47
CA PHE A 198 -15.17 7.08 21.50
C PHE A 198 -16.32 7.32 22.48
N ARG A 199 -16.41 6.47 23.50
CA ARG A 199 -17.48 6.47 24.52
C ARG A 199 -16.88 6.10 25.88
N ALA A 200 -17.51 6.60 26.93
CA ALA A 200 -17.20 6.11 28.29
C ALA A 200 -17.55 4.64 28.35
N SER A 201 -16.89 3.95 29.27
CA SER A 201 -17.03 2.50 29.34
C SER A 201 -18.49 2.07 29.58
N ASP A 202 -19.18 2.83 30.42
CA ASP A 202 -20.59 2.63 30.67
C ASP A 202 -21.50 2.94 29.47
N GLU A 203 -21.07 3.77 28.50
CA GLU A 203 -21.85 4.06 27.30
C GLU A 203 -21.59 3.12 26.14
N SER A 204 -20.65 2.20 26.28
CA SER A 204 -20.15 1.42 25.18
C SER A 204 -21.12 0.30 24.92
N VAL A 205 -21.28 -0.05 23.64
CA VAL A 205 -22.04 -1.24 23.24
C VAL A 205 -21.24 -1.99 22.20
N LEU A 206 -19.90 -1.87 22.25
CA LEU A 206 -19.05 -2.57 21.28
C LEU A 206 -19.04 -4.07 21.54
N SER A 207 -18.96 -4.82 20.44
CA SER A 207 -18.93 -6.30 20.45
C SER A 207 -17.47 -6.76 20.28
N MET A 208 -16.86 -7.21 21.37
CA MET A 208 -15.41 -7.43 21.39
C MET A 208 -14.98 -8.90 21.43
N HIS A 209 -15.95 -9.79 21.67
CA HIS A 209 -15.67 -11.12 22.18
C HIS A 209 -15.77 -12.22 21.11
N LYS A 210 -16.64 -12.07 20.13
CA LYS A 210 -16.73 -13.05 19.04
C LYS A 210 -16.92 -12.37 17.68
N VAL A 211 -15.99 -11.49 17.34
CA VAL A 211 -16.23 -10.35 16.43
C VAL A 211 -16.52 -10.76 14.97
N CYS A 212 -15.67 -11.64 14.42
CA CYS A 212 -15.84 -12.23 13.08
C CYS A 212 -17.26 -12.86 12.99
N GLU A 213 -17.55 -13.83 13.86
CA GLU A 213 -18.86 -14.49 13.95
C GLU A 213 -20.03 -13.56 14.25
N ALA A 214 -19.81 -12.53 15.06
CA ALA A 214 -20.86 -11.55 15.39
C ALA A 214 -21.26 -10.69 14.18
N GLY A 215 -20.37 -10.63 13.17
CA GLY A 215 -20.54 -9.79 11.98
C GLY A 215 -19.42 -8.75 11.98
N GLY A 216 -19.29 -8.03 13.10
CA GLY A 216 -18.22 -7.04 13.25
C GLY A 216 -18.26 -6.34 14.59
N LEU A 217 -17.38 -5.35 14.74
CA LEU A 217 -17.36 -4.55 15.97
C LEU A 217 -18.64 -3.87 16.28
N PHE A 218 -19.35 -3.40 15.26
CA PHE A 218 -20.43 -2.42 15.49
C PHE A 218 -21.84 -3.00 15.47
N VAL A 219 -21.95 -4.32 15.27
CA VAL A 219 -23.22 -4.99 14.93
C VAL A 219 -24.35 -4.76 15.97
N ASN A 220 -24.01 -4.47 17.21
CA ASN A 220 -25.04 -4.20 18.22
C ASN A 220 -24.88 -2.80 18.71
N SER A 221 -24.95 -1.91 17.73
CA SER A 221 -24.72 -0.52 17.94
C SER A 221 -25.49 0.28 16.85
N PRO A 222 -26.11 1.40 17.21
CA PRO A 222 -27.07 1.97 16.28
C PRO A 222 -26.48 2.51 15.01
N GLU A 223 -27.32 2.60 13.99
CA GLU A 223 -26.93 3.17 12.75
C GLU A 223 -26.62 4.65 12.97
N GLU A 224 -27.23 5.30 13.94
CA GLU A 224 -26.85 6.67 14.25
C GLU A 224 -26.61 6.82 15.72
N PRO A 225 -25.40 6.44 16.19
CA PRO A 225 -25.26 6.44 17.65
C PRO A 225 -25.41 7.80 18.22
N SER A 226 -25.77 7.81 19.49
CA SER A 226 -25.77 9.04 20.23
C SER A 226 -24.32 9.50 20.41
N LEU A 227 -24.15 10.75 20.79
CA LEU A 227 -22.87 11.31 21.06
C LEU A 227 -22.48 10.92 22.49
N SER A 228 -21.32 10.31 22.69
CA SER A 228 -20.84 10.15 24.06
C SER A 228 -20.78 11.47 24.82
N ARG A 229 -20.99 11.42 26.13
CA ARG A 229 -20.76 12.55 27.00
C ARG A 229 -19.30 13.01 26.95
N MET A 230 -18.37 12.19 26.47
CA MET A 230 -16.98 12.64 26.34
C MET A 230 -16.68 13.58 25.23
N VAL A 231 -17.46 13.61 24.17
CA VAL A 231 -17.04 14.30 22.94
C VAL A 231 -18.14 15.11 22.34
N THR A 232 -17.77 16.10 21.57
CA THR A 232 -18.72 16.92 20.80
C THR A 232 -18.79 16.43 19.39
N GLU A 233 -19.82 16.89 18.69
CA GLU A 233 -19.95 16.63 17.30
C GLU A 233 -18.74 17.19 16.56
N GLU A 234 -18.31 18.40 16.90
CA GLU A 234 -17.18 19.02 16.22
C GLU A 234 -15.91 18.18 16.37
N GLU A 235 -15.67 17.65 17.57
CA GLU A 235 -14.56 16.76 17.81
C GLU A 235 -14.63 15.51 16.97
N ILE A 236 -15.82 14.93 16.88
CA ILE A 236 -16.04 13.76 16.08
C ILE A 236 -15.72 14.03 14.63
N GLN A 237 -16.21 15.16 14.12
CA GLN A 237 -15.94 15.53 12.72
C GLN A 237 -14.48 15.81 12.40
N PHE A 238 -13.68 16.26 13.37
CA PHE A 238 -12.24 16.41 13.10
C PHE A 238 -11.60 15.04 12.77
N TYR A 239 -11.92 14.01 13.58
CA TYR A 239 -11.45 12.63 13.31
C TYR A 239 -11.96 12.12 11.99
N VAL A 240 -13.23 12.37 11.68
CA VAL A 240 -13.81 11.92 10.39
C VAL A 240 -12.95 12.43 9.23
N GLN A 241 -12.68 13.72 9.31
CA GLN A 241 -11.95 14.41 8.27
C GLN A 241 -10.52 13.93 8.19
N GLN A 242 -9.89 13.72 9.34
CA GLN A 242 -8.52 13.16 9.37
C GLN A 242 -8.41 11.78 8.77
N PHE A 243 -9.40 10.93 8.90
CA PHE A 243 -9.28 9.58 8.35
C PHE A 243 -9.71 9.42 6.89
N LYS A 244 -10.21 10.48 6.28
CA LYS A 244 -10.41 10.55 4.81
C LYS A 244 -9.17 10.35 4.00
N LYS A 245 -8.04 10.92 4.39
CA LYS A 245 -6.85 10.90 3.56
C LYS A 245 -6.35 9.50 3.38
N SER A 246 -6.11 8.74 4.46
CA SER A 246 -5.56 7.40 4.31
C SER A 246 -6.44 6.22 4.80
N GLY A 247 -7.53 6.47 5.50
CA GLY A 247 -8.37 5.41 6.00
C GLY A 247 -7.68 4.60 7.10
N PHE A 248 -8.06 3.34 7.20
CA PHE A 248 -7.72 2.51 8.31
C PHE A 248 -6.65 1.48 8.04
N ARG A 249 -6.18 1.34 6.80
CA ARG A 249 -5.19 0.32 6.56
C ARG A 249 -3.89 0.51 7.38
N GLY A 250 -3.22 1.63 7.22
CA GLY A 250 -2.02 1.88 7.99
C GLY A 250 -2.25 1.72 9.49
N PRO A 251 -3.29 2.36 10.03
CA PRO A 251 -3.62 2.19 11.45
C PRO A 251 -3.71 0.73 11.87
N LEU A 252 -4.47 -0.03 11.10
CA LEU A 252 -4.62 -1.45 11.39
C LEU A 252 -3.35 -2.22 11.25
N ASN A 253 -2.42 -1.78 10.40
CA ASN A 253 -1.16 -2.50 10.25
C ASN A 253 -0.35 -2.54 11.53
N TRP A 254 -0.60 -1.60 12.43
CA TRP A 254 0.05 -1.63 13.74
C TRP A 254 -0.16 -2.93 14.44
N TYR A 255 -1.34 -3.51 14.20
CA TYR A 255 -1.73 -4.76 14.81
C TYR A 255 -1.25 -6.02 14.04
N ARG A 256 -0.63 -5.87 12.89
CA ARG A 256 -0.38 -7.00 12.03
C ARG A 256 1.09 -7.40 12.02
N ASN A 257 1.81 -7.08 13.09
CA ASN A 257 3.24 -7.37 13.18
C ASN A 257 3.60 -8.14 14.43
N MET A 258 2.63 -8.89 14.94
CA MET A 258 2.80 -9.51 16.26
C MET A 258 4.05 -10.38 16.30
N GLU A 259 4.27 -11.18 15.29
CA GLU A 259 5.38 -12.14 15.34
C GLU A 259 6.68 -11.39 15.22
N ARG A 260 6.77 -10.53 14.20
CA ARG A 260 7.92 -9.63 14.03
C ARG A 260 8.25 -8.83 15.32
N ASN A 261 7.25 -8.22 15.94
CA ASN A 261 7.47 -7.46 17.17
C ASN A 261 7.92 -8.33 18.33
N TRP A 262 7.35 -9.52 18.46
CA TRP A 262 7.79 -10.51 19.45
C TRP A 262 9.30 -10.92 19.24
N LYS A 263 9.64 -11.23 18.00
CA LYS A 263 11.01 -11.53 17.62
C LYS A 263 11.96 -10.42 18.03
N TRP A 264 11.57 -9.18 17.78
CA TRP A 264 12.43 -8.03 18.09
C TRP A 264 12.53 -7.88 19.60
N ALA A 265 11.45 -8.09 20.32
CA ALA A 265 11.49 -7.86 21.77
C ALA A 265 12.37 -8.87 22.49
N CYS A 266 12.32 -10.14 22.08
CA CYS A 266 13.22 -11.20 22.56
C CYS A 266 14.71 -10.84 22.43
N LYS A 267 15.10 -10.05 21.42
CA LYS A 267 16.47 -9.49 21.37
C LYS A 267 16.85 -8.55 22.50
N SER A 268 15.90 -8.06 23.28
CA SER A 268 16.26 -7.23 24.43
C SER A 268 17.17 -8.05 25.38
N LEU A 269 16.80 -9.33 25.57
CA LEU A 269 17.58 -10.34 26.31
C LEU A 269 17.65 -9.92 27.80
N GLY A 270 16.49 -9.60 28.40
CA GLY A 270 16.42 -9.03 29.76
C GLY A 270 17.25 -7.79 30.14
N ARG A 271 17.52 -6.86 29.23
CA ARG A 271 18.15 -5.58 29.65
C ARG A 271 17.09 -4.75 30.36
N LYS A 272 17.46 -3.93 31.34
CA LYS A 272 16.43 -3.30 32.16
C LYS A 272 16.29 -1.83 31.80
N ILE A 273 15.07 -1.32 31.87
CA ILE A 273 14.80 0.12 31.71
C ILE A 273 15.22 0.77 33.01
N LEU A 274 16.19 1.67 32.91
CA LEU A 274 16.75 2.40 34.05
C LEU A 274 16.35 3.87 34.12
N ILE A 275 15.81 4.40 33.02
CA ILE A 275 15.41 5.84 32.98
C ILE A 275 14.13 6.01 33.79
N PRO A 276 13.75 7.26 34.12
CA PRO A 276 12.50 7.38 34.91
C PRO A 276 11.30 6.94 34.10
N ALA A 277 10.34 6.30 34.79
CA ALA A 277 9.24 5.64 34.14
C ALA A 277 7.98 5.78 34.95
N LEU A 278 6.86 5.96 34.24
CA LEU A 278 5.54 6.24 34.82
C LEU A 278 4.55 5.36 34.12
N MET A 279 3.77 4.62 34.91
CA MET A 279 2.72 3.77 34.43
C MET A 279 1.40 4.24 34.97
N VAL A 280 0.50 4.64 34.07
CA VAL A 280 -0.83 5.13 34.47
C VAL A 280 -1.87 4.12 34.04
N THR A 281 -2.68 3.65 34.96
CA THR A 281 -3.70 2.66 34.66
C THR A 281 -5.08 3.30 34.73
N ALA A 282 -6.03 2.71 34.01
CA ALA A 282 -7.39 3.27 33.95
C ALA A 282 -8.30 2.18 34.42
N GLU A 283 -9.08 2.48 35.47
CA GLU A 283 -9.94 1.47 36.19
C GLU A 283 -10.88 0.73 35.24
N LYS A 284 -11.47 1.48 34.30
CA LYS A 284 -12.51 0.96 33.40
C LYS A 284 -12.02 0.73 31.99
N ASP A 285 -10.72 0.62 31.79
CA ASP A 285 -10.27 0.13 30.49
C ASP A 285 -10.40 -1.38 30.55
N PHE A 286 -11.28 -1.93 29.72
CA PHE A 286 -11.58 -3.36 29.77
C PHE A 286 -10.69 -4.24 28.92
N VAL A 287 -9.82 -3.63 28.14
CA VAL A 287 -8.90 -4.40 27.28
CA VAL A 287 -8.94 -4.37 27.29
C VAL A 287 -7.52 -4.31 27.88
N LEU A 288 -7.09 -3.10 28.20
CA LEU A 288 -5.81 -2.86 28.87
C LEU A 288 -6.08 -2.57 30.34
N VAL A 289 -6.28 -3.67 31.01
CA VAL A 289 -6.80 -3.69 32.37
C VAL A 289 -5.68 -3.35 33.32
N PRO A 290 -5.98 -2.69 34.43
CA PRO A 290 -4.90 -2.34 35.33
C PRO A 290 -4.00 -3.50 35.76
N GLN A 291 -4.57 -4.65 36.06
CA GLN A 291 -3.71 -5.70 36.60
C GLN A 291 -2.73 -6.27 35.56
N MET A 292 -2.90 -6.01 34.26
CA MET A 292 -1.85 -6.41 33.32
C MET A 292 -0.53 -5.68 33.57
N SER A 293 -0.54 -4.58 34.31
CA SER A 293 0.68 -3.89 34.70
C SER A 293 1.28 -4.41 36.02
N GLN A 294 0.71 -5.44 36.61
CA GLN A 294 0.94 -5.64 38.06
C GLN A 294 2.39 -5.93 38.48
N HIS A 295 3.18 -6.61 37.66
CA HIS A 295 4.55 -6.91 38.09
C HIS A 295 5.59 -6.10 37.33
N MET A 296 5.21 -4.90 36.87
CA MET A 296 6.17 -4.09 36.16
C MET A 296 7.34 -3.70 37.09
N GLU A 297 7.13 -3.54 38.41
CA GLU A 297 8.30 -3.12 39.21
C GLU A 297 9.38 -4.21 39.36
N ASP A 298 9.08 -5.48 39.03
CA ASP A 298 10.12 -6.57 38.90
C ASP A 298 11.12 -6.25 37.79
N TRP A 299 10.71 -5.48 36.80
CA TRP A 299 11.58 -5.08 35.68
C TRP A 299 11.94 -3.60 35.66
N ILE A 300 11.22 -2.75 36.38
CA ILE A 300 11.48 -1.28 36.42
C ILE A 300 11.27 -0.86 37.90
N PRO A 301 12.27 -1.06 38.79
CA PRO A 301 11.93 -1.02 40.26
C PRO A 301 11.57 0.35 40.83
N HIS A 302 12.27 1.37 40.35
CA HIS A 302 11.87 2.82 40.39
C HIS A 302 10.61 3.28 39.59
N LEU A 303 9.88 2.37 38.97
CA LEU A 303 8.62 2.74 38.36
C LEU A 303 7.75 3.60 39.29
N LYS A 304 7.21 4.69 38.74
CA LYS A 304 6.13 5.39 39.41
C LYS A 304 4.80 5.06 38.75
N ARG A 305 3.73 5.26 39.50
CA ARG A 305 2.39 4.93 39.04
C ARG A 305 1.43 6.04 39.29
N GLY A 306 0.39 6.03 38.47
CA GLY A 306 -0.78 6.82 38.59
C GLY A 306 -1.91 5.86 38.20
N HIS A 307 -3.10 6.18 38.67
CA HIS A 307 -4.27 5.39 38.50
C HIS A 307 -5.45 6.34 38.45
N ILE A 308 -6.34 6.09 37.50
CA ILE A 308 -7.51 6.98 37.30
C ILE A 308 -8.81 6.19 37.41
N GLU A 309 -9.61 6.55 38.42
CA GLU A 309 -10.91 5.92 38.64
C GLU A 309 -11.85 6.39 37.58
N ASP A 310 -12.87 5.57 37.32
CA ASP A 310 -13.97 5.88 36.45
C ASP A 310 -13.50 6.30 35.05
N CYS A 311 -12.37 5.73 34.61
CA CYS A 311 -11.70 6.13 33.36
C CYS A 311 -11.62 4.94 32.43
N GLY A 312 -12.21 5.06 31.24
CA GLY A 312 -12.15 4.00 30.23
C GLY A 312 -10.87 3.98 29.41
N HIS A 313 -10.98 3.35 28.25
CA HIS A 313 -9.90 3.25 27.33
C HIS A 313 -9.35 4.59 26.76
N TRP A 314 -10.21 5.56 26.54
CA TRP A 314 -9.87 6.80 25.84
C TRP A 314 -9.43 7.82 26.85
N THR A 315 -8.31 7.50 27.50
CA THR A 315 -7.97 8.07 28.79
C THR A 315 -7.88 9.61 28.80
N GLN A 316 -7.25 10.14 27.74
CA GLN A 316 -6.98 11.57 27.67
C GLN A 316 -8.24 12.42 27.53
N MET A 317 -9.26 11.83 26.92
CA MET A 317 -10.55 12.45 26.63
C MET A 317 -11.54 12.26 27.78
N ASP A 318 -11.49 11.08 28.38
CA ASP A 318 -12.37 10.68 29.45
C ASP A 318 -12.03 11.44 30.68
N LYS A 319 -10.74 11.48 31.02
CA LYS A 319 -10.30 12.11 32.27
C LYS A 319 -9.13 13.11 32.14
N PRO A 320 -9.31 14.13 31.30
CA PRO A 320 -8.18 15.04 30.94
C PRO A 320 -7.54 15.75 32.11
N THR A 321 -8.36 16.21 33.07
CA THR A 321 -7.89 16.89 34.28
C THR A 321 -6.99 16.00 35.09
N GLU A 322 -7.39 14.76 35.28
CA GLU A 322 -6.61 13.84 36.14
C GLU A 322 -5.31 13.46 35.42
N VAL A 323 -5.41 13.21 34.11
CA VAL A 323 -4.21 12.91 33.29
C VAL A 323 -3.21 14.05 33.35
N ASN A 324 -3.68 15.28 33.17
CA ASN A 324 -2.81 16.42 33.21
C ASN A 324 -2.09 16.53 34.54
N GLN A 325 -2.87 16.38 35.61
CA GLN A 325 -2.30 16.42 36.94
C GLN A 325 -1.25 15.37 37.16
N ILE A 326 -1.54 14.15 36.79
CA ILE A 326 -0.60 13.08 36.97
C ILE A 326 0.69 13.32 36.13
N LEU A 327 0.51 13.71 34.86
CA LEU A 327 1.67 13.98 33.99
C LEU A 327 2.54 15.13 34.45
N ILE A 328 1.95 16.26 34.80
CA ILE A 328 2.76 17.44 35.21
C ILE A 328 3.53 17.19 36.53
N LYS A 329 2.89 16.57 37.51
CA LYS A 329 3.53 16.18 38.76
C LYS A 329 4.75 15.31 38.51
N TRP A 330 4.58 14.26 37.74
CA TRP A 330 5.67 13.39 37.36
C TRP A 330 6.74 14.07 36.52
N LEU A 331 6.33 14.80 35.48
CA LEU A 331 7.35 15.51 34.68
C LEU A 331 8.18 16.46 35.55
N ASP A 332 7.50 17.18 36.44
CA ASP A 332 8.18 18.14 37.28
C ASP A 332 9.08 17.50 38.34
N SER A 333 8.77 16.30 38.80
CA SER A 333 9.64 15.58 39.74
C SER A 333 10.66 14.64 39.05
N ASP A 334 10.29 13.75 38.13
CA ASP A 334 11.32 12.85 37.49
C ASP A 334 11.64 13.18 36.03
N THR B 19 6.46 12.96 -33.01
CA THR B 19 6.18 13.42 -31.62
C THR B 19 6.16 12.22 -30.62
N SER B 20 6.75 12.44 -29.46
CA SER B 20 6.50 11.68 -28.24
C SER B 20 5.59 12.60 -27.36
N CYS B 21 5.58 12.37 -26.04
CA CYS B 21 4.75 13.11 -25.06
C CYS B 21 5.61 13.72 -24.01
N ASN B 22 5.28 14.96 -23.62
CA ASN B 22 5.86 15.56 -22.44
C ASN B 22 4.84 15.48 -21.27
N PRO B 23 5.18 14.76 -20.19
CA PRO B 23 4.22 14.48 -19.09
C PRO B 23 3.43 15.69 -18.56
N SER B 24 4.12 16.78 -18.25
CA SER B 24 3.42 17.97 -17.67
C SER B 24 2.64 18.78 -18.73
N ASP B 25 2.80 18.42 -20.00
CA ASP B 25 1.86 18.88 -21.01
C ASP B 25 0.64 18.03 -21.26
N MET B 26 0.48 16.95 -20.47
CA MET B 26 -0.68 16.08 -20.61
C MET B 26 -1.80 16.43 -19.62
N SER B 27 -3.03 16.05 -19.96
CA SER B 27 -4.12 15.95 -18.99
C SER B 27 -3.99 14.65 -18.22
N HIS B 28 -3.94 14.74 -16.90
CA HIS B 28 -3.89 13.60 -16.02
C HIS B 28 -5.25 13.36 -15.33
N GLY B 29 -5.77 12.15 -15.46
CA GLY B 29 -7.04 11.69 -14.86
C GLY B 29 -6.87 10.65 -13.80
N TYR B 30 -7.75 10.66 -12.82
CA TYR B 30 -7.68 9.76 -11.68
C TYR B 30 -9.07 9.27 -11.38
N VAL B 31 -9.26 7.96 -11.35
CA VAL B 31 -10.58 7.35 -11.11
C VAL B 31 -10.36 6.36 -9.98
N THR B 32 -11.19 6.46 -8.96
CA THR B 32 -11.20 5.56 -7.81
C THR B 32 -12.11 4.44 -8.14
N VAL B 33 -11.53 3.30 -8.37
CA VAL B 33 -12.32 2.16 -8.80
C VAL B 33 -12.84 1.36 -7.63
N LYS B 34 -12.17 1.41 -6.51
CA LYS B 34 -12.72 0.89 -5.27
C LYS B 34 -12.05 1.62 -4.13
N PRO B 35 -12.58 1.51 -2.91
CA PRO B 35 -12.27 2.51 -1.88
C PRO B 35 -10.82 3.00 -1.80
N ARG B 36 -9.88 2.08 -1.81
CA ARG B 36 -8.49 2.51 -1.67
C ARG B 36 -7.65 2.17 -2.91
N VAL B 37 -8.30 2.16 -4.08
CA VAL B 37 -7.65 1.87 -5.34
C VAL B 37 -8.04 2.85 -6.44
N ARG B 38 -7.09 3.69 -6.87
CA ARG B 38 -7.35 4.65 -7.95
C ARG B 38 -6.38 4.43 -9.08
N LEU B 39 -6.94 4.58 -10.27
CA LEU B 39 -6.15 4.40 -11.49
C LEU B 39 -5.92 5.79 -12.07
N HIS B 40 -4.66 6.05 -12.38
CA HIS B 40 -4.20 7.19 -13.14
C HIS B 40 -4.12 6.90 -14.63
N PHE B 41 -4.39 7.92 -15.40
CA PHE B 41 -4.23 7.87 -16.83
C PHE B 41 -3.91 9.26 -17.43
N VAL B 42 -3.36 9.20 -18.62
CA VAL B 42 -3.25 10.41 -19.45
C VAL B 42 -4.25 10.35 -20.58
N GLU B 43 -4.81 11.50 -20.93
CA GLU B 43 -5.90 11.58 -21.88
C GLU B 43 -5.62 12.63 -22.97
N LEU B 44 -5.79 12.27 -24.22
CA LEU B 44 -5.57 13.17 -25.34
C LEU B 44 -6.47 12.84 -26.52
N GLY B 45 -7.04 13.87 -27.11
CA GLY B 45 -7.81 13.69 -28.34
C GLY B 45 -9.32 13.62 -28.12
N SER B 46 -10.06 13.79 -29.23
CA SER B 46 -11.51 13.59 -29.29
C SER B 46 -11.80 12.41 -30.23
N GLY B 47 -12.96 11.81 -30.07
CA GLY B 47 -13.39 10.67 -30.88
C GLY B 47 -13.71 9.48 -30.03
N PRO B 48 -13.77 8.28 -30.67
CA PRO B 48 -14.00 7.00 -29.95
C PRO B 48 -12.88 6.72 -28.92
N ALA B 49 -13.29 6.30 -27.75
CA ALA B 49 -12.35 6.03 -26.67
C ALA B 49 -11.51 4.80 -26.99
N VAL B 50 -10.19 4.98 -26.85
CA VAL B 50 -9.22 3.92 -27.06
C VAL B 50 -8.42 3.89 -25.75
N CYS B 51 -8.43 2.76 -25.08
CA CYS B 51 -7.72 2.58 -23.84
C CYS B 51 -6.45 1.77 -24.08
N LEU B 52 -5.29 2.38 -23.81
CA LEU B 52 -4.01 1.70 -23.96
C LEU B 52 -3.53 1.11 -22.63
N CYS B 53 -3.17 -0.17 -22.62
CA CYS B 53 -2.75 -0.90 -21.46
C CYS B 53 -1.34 -1.48 -21.62
N HIS B 54 -0.38 -0.92 -20.90
CA HIS B 54 1.01 -1.32 -20.98
C HIS B 54 1.32 -2.63 -20.24
N GLY B 55 2.55 -3.05 -20.38
CA GLY B 55 2.98 -4.36 -19.85
C GLY B 55 4.00 -4.14 -18.76
N PHE B 56 4.72 -5.21 -18.47
CA PHE B 56 5.71 -5.25 -17.40
C PHE B 56 7.12 -4.99 -17.94
N PRO B 57 7.94 -4.19 -17.27
CA PRO B 57 7.63 -3.28 -16.17
C PRO B 57 7.60 -1.87 -16.79
N GLU B 58 6.42 -1.43 -17.22
CA GLU B 58 6.36 -0.23 -18.02
C GLU B 58 5.52 0.91 -17.37
N SER B 59 4.80 1.66 -18.19
CA SER B 59 4.17 2.92 -17.80
C SER B 59 3.24 3.33 -18.95
N TRP B 60 2.35 4.26 -18.65
CA TRP B 60 1.56 4.93 -19.66
C TRP B 60 2.51 5.51 -20.72
N TYR B 61 3.71 5.90 -20.26
CA TYR B 61 4.70 6.54 -21.10
C TYR B 61 5.29 5.59 -22.18
N SER B 62 5.13 4.29 -22.02
CA SER B 62 5.52 3.36 -23.08
C SER B 62 4.69 3.57 -24.36
N TRP B 63 3.53 4.23 -24.24
CA TRP B 63 2.73 4.60 -25.39
C TRP B 63 3.01 6.02 -25.95
N ARG B 64 4.11 6.63 -25.54
CA ARG B 64 4.41 8.00 -25.87
C ARG B 64 4.34 8.33 -27.36
N TYR B 65 4.69 7.40 -28.23
CA TYR B 65 4.58 7.64 -29.69
C TYR B 65 3.23 7.35 -30.30
N GLN B 66 2.42 6.54 -29.65
CA GLN B 66 1.12 6.21 -30.14
C GLN B 66 0.10 7.27 -29.72
N ILE B 67 0.29 7.88 -28.57
CA ILE B 67 -0.74 8.73 -28.01
C ILE B 67 -1.07 9.88 -28.98
N PRO B 68 -0.06 10.67 -29.40
CA PRO B 68 -0.40 11.75 -30.33
C PRO B 68 -0.78 11.29 -31.73
N ALA B 69 -0.24 10.16 -32.18
CA ALA B 69 -0.60 9.63 -33.48
C ALA B 69 -2.03 9.23 -33.49
N LEU B 70 -2.45 8.54 -32.41
CA LEU B 70 -3.81 8.06 -32.35
C LEU B 70 -4.79 9.24 -32.20
N ALA B 71 -4.44 10.22 -31.38
CA ALA B 71 -5.28 11.42 -31.22
C ALA B 71 -5.45 12.24 -32.49
N GLN B 72 -4.36 12.40 -33.22
CA GLN B 72 -4.38 13.06 -34.47
C GLN B 72 -5.21 12.29 -35.49
N ALA B 73 -5.26 10.97 -35.38
CA ALA B 73 -6.05 10.18 -36.26
C ALA B 73 -7.59 10.25 -36.00
N GLY B 74 -8.04 10.98 -34.99
CA GLY B 74 -9.45 11.02 -34.65
C GLY B 74 -9.89 10.15 -33.49
N TYR B 75 -9.00 9.88 -32.50
CA TYR B 75 -9.36 9.04 -31.32
C TYR B 75 -9.12 9.75 -30.00
N ARG B 76 -9.92 9.39 -28.99
CA ARG B 76 -9.73 9.90 -27.66
C ARG B 76 -8.94 8.87 -26.95
N VAL B 77 -7.67 9.19 -26.63
CA VAL B 77 -6.77 8.19 -26.10
C VAL B 77 -6.72 8.26 -24.60
N LEU B 78 -6.91 7.14 -23.94
CA LEU B 78 -6.63 7.02 -22.49
C LEU B 78 -5.53 6.05 -22.30
N ALA B 79 -4.38 6.56 -21.92
CA ALA B 79 -3.27 5.71 -21.64
C ALA B 79 -3.10 5.53 -20.11
N MET B 80 -3.27 4.31 -19.67
CA MET B 80 -3.32 3.98 -18.24
C MET B 80 -1.94 3.86 -17.63
N ASP B 81 -1.78 4.26 -16.38
CA ASP B 81 -0.91 3.52 -15.46
C ASP B 81 -1.70 2.33 -14.94
N MET B 82 -1.22 1.12 -15.25
CA MET B 82 -1.96 -0.05 -14.80
C MET B 82 -1.75 -0.17 -13.27
N LYS B 83 -2.61 -0.93 -12.60
CA LYS B 83 -2.49 -1.05 -11.17
C LYS B 83 -1.11 -1.67 -10.83
N GLY B 84 -0.50 -1.09 -9.77
CA GLY B 84 0.90 -1.30 -9.39
C GLY B 84 1.94 -0.33 -9.89
N TYR B 85 1.59 0.56 -10.85
CA TYR B 85 2.55 1.37 -11.53
C TYR B 85 2.30 2.85 -11.40
N GLY B 86 3.39 3.63 -11.44
CA GLY B 86 3.28 5.07 -11.61
C GLY B 86 2.43 5.72 -10.53
N GLU B 87 1.46 6.47 -10.99
CA GLU B 87 0.55 7.20 -10.13
C GLU B 87 -0.68 6.38 -9.77
N SER B 88 -0.84 5.18 -10.31
CA SER B 88 -1.97 4.34 -9.87
C SER B 88 -1.62 3.70 -8.52
N SER B 89 -2.63 3.24 -7.81
CA SER B 89 -2.43 2.55 -6.55
C SER B 89 -1.63 1.27 -6.74
N ALA B 90 -0.86 0.91 -5.72
CA ALA B 90 -0.03 -0.26 -5.70
C ALA B 90 -0.20 -1.04 -4.41
N PRO B 91 -1.37 -1.62 -4.15
CA PRO B 91 -1.44 -2.46 -2.94
C PRO B 91 -0.49 -3.70 -2.98
N PRO B 92 0.00 -4.17 -1.79
CA PRO B 92 1.02 -5.19 -1.82
C PRO B 92 0.52 -6.59 -2.04
N GLU B 93 -0.76 -6.84 -1.83
CA GLU B 93 -1.32 -8.21 -1.89
C GLU B 93 -1.34 -8.83 -3.32
N ILE B 94 -0.82 -10.05 -3.41
CA ILE B 94 -0.64 -10.75 -4.66
C ILE B 94 -1.94 -10.84 -5.43
N GLU B 95 -3.02 -11.18 -4.75
CA GLU B 95 -4.27 -11.50 -5.39
C GLU B 95 -4.99 -10.24 -5.89
N GLU B 96 -4.49 -9.04 -5.57
CA GLU B 96 -5.05 -7.84 -6.15
C GLU B 96 -4.70 -7.69 -7.64
N TYR B 97 -3.83 -8.57 -8.14
CA TYR B 97 -3.30 -8.50 -9.47
C TYR B 97 -3.60 -9.73 -10.31
N CYS B 98 -4.61 -10.52 -9.91
CA CYS B 98 -5.10 -11.55 -10.73
C CYS B 98 -6.00 -10.88 -11.77
N MET B 99 -6.10 -11.53 -12.92
CA MET B 99 -6.83 -10.97 -14.10
C MET B 99 -8.29 -10.67 -13.78
N GLU B 100 -8.89 -11.50 -12.93
CA GLU B 100 -10.29 -11.30 -12.59
C GLU B 100 -10.54 -9.96 -11.87
N VAL B 101 -9.72 -9.66 -10.89
CA VAL B 101 -9.77 -8.42 -10.13
C VAL B 101 -9.40 -7.21 -11.04
N LEU B 102 -8.36 -7.37 -11.85
CA LEU B 102 -7.88 -6.35 -12.73
C LEU B 102 -8.92 -5.97 -13.78
N CYS B 103 -9.58 -6.97 -14.37
CA CYS B 103 -10.62 -6.73 -15.36
C CYS B 103 -11.86 -6.05 -14.79
N LYS B 104 -12.33 -6.49 -13.62
CA LYS B 104 -13.53 -5.88 -13.01
C LYS B 104 -13.26 -4.39 -12.68
N GLU B 105 -12.03 -4.07 -12.26
CA GLU B 105 -11.63 -2.68 -12.04
C GLU B 105 -11.70 -1.83 -13.33
N MET B 106 -11.31 -2.40 -14.46
CA MET B 106 -11.32 -1.67 -15.70
C MET B 106 -12.77 -1.45 -16.16
N VAL B 107 -13.67 -2.38 -15.80
CA VAL B 107 -15.07 -2.17 -16.09
C VAL B 107 -15.58 -1.02 -15.24
N THR B 108 -15.20 -1.00 -13.99
CA THR B 108 -15.59 0.06 -13.11
C THR B 108 -14.99 1.38 -13.58
N PHE B 109 -13.76 1.36 -14.05
CA PHE B 109 -13.15 2.54 -14.68
C PHE B 109 -14.06 3.15 -15.77
N LEU B 110 -14.48 2.31 -16.70
CA LEU B 110 -15.37 2.73 -17.77
C LEU B 110 -16.71 3.30 -17.22
N ASP B 111 -17.22 2.62 -16.19
CA ASP B 111 -18.47 3.01 -15.61
C ASP B 111 -18.38 4.41 -15.05
N LYS B 112 -17.34 4.67 -14.30
CA LYS B 112 -17.16 6.00 -13.66
C LYS B 112 -16.86 7.12 -14.63
N LEU B 113 -16.18 6.84 -15.74
CA LEU B 113 -15.99 7.76 -16.85
C LEU B 113 -17.22 7.96 -17.74
N GLY B 114 -18.23 7.13 -17.54
CA GLY B 114 -19.43 7.18 -18.30
C GLY B 114 -19.24 6.66 -19.70
N LEU B 115 -18.37 5.67 -19.86
CA LEU B 115 -18.10 5.07 -21.17
C LEU B 115 -18.79 3.72 -21.29
N SER B 116 -19.71 3.57 -22.24
CA SER B 116 -20.37 2.25 -22.39
C SER B 116 -19.42 1.25 -23.05
N GLN B 117 -18.46 1.74 -23.85
CA GLN B 117 -17.46 0.90 -24.48
C GLN B 117 -16.17 1.66 -24.76
N ALA B 118 -15.08 0.94 -24.97
CA ALA B 118 -13.87 1.55 -25.51
C ALA B 118 -13.16 0.50 -26.31
N VAL B 119 -12.28 0.93 -27.19
CA VAL B 119 -11.37 0.00 -27.83
C VAL B 119 -10.29 -0.28 -26.77
N PHE B 120 -9.91 -1.53 -26.58
CA PHE B 120 -8.81 -1.88 -25.70
C PHE B 120 -7.58 -2.36 -26.51
N ILE B 121 -6.44 -1.68 -26.29
CA ILE B 121 -5.20 -2.03 -27.01
C ILE B 121 -4.16 -2.30 -25.92
N GLY B 122 -3.65 -3.55 -25.83
CA GLY B 122 -2.64 -3.86 -24.82
C GLY B 122 -1.35 -4.45 -25.40
N HIS B 123 -0.33 -4.50 -24.55
CA HIS B 123 0.96 -5.04 -24.88
C HIS B 123 1.45 -5.82 -23.67
N ASP B 124 1.97 -7.01 -23.92
CA ASP B 124 2.60 -7.85 -22.86
C ASP B 124 1.53 -8.19 -21.79
N TRP B 125 1.72 -7.90 -20.51
CA TRP B 125 0.62 -8.18 -19.51
C TRP B 125 -0.65 -7.36 -19.73
N GLY B 126 -0.51 -6.15 -20.31
CA GLY B 126 -1.67 -5.38 -20.75
C GLY B 126 -2.46 -6.08 -21.83
N GLY B 127 -1.73 -6.68 -22.74
CA GLY B 127 -2.28 -7.50 -23.84
C GLY B 127 -3.05 -8.70 -23.30
N MET B 128 -2.49 -9.34 -22.28
CA MET B 128 -3.21 -10.44 -21.59
C MET B 128 -4.54 -9.90 -20.99
N LEU B 129 -4.45 -8.77 -20.32
CA LEU B 129 -5.63 -8.11 -19.79
C LEU B 129 -6.66 -7.80 -20.85
N VAL B 130 -6.26 -7.21 -21.98
CA VAL B 130 -7.29 -6.87 -23.00
C VAL B 130 -8.00 -8.12 -23.56
N TRP B 131 -7.29 -9.22 -23.65
CA TRP B 131 -7.89 -10.45 -24.11
C TRP B 131 -8.92 -10.93 -23.06
N TYR B 132 -8.59 -10.92 -21.77
CA TYR B 132 -9.60 -11.29 -20.79
C TYR B 132 -10.82 -10.33 -20.77
N MET B 133 -10.59 -9.03 -20.96
CA MET B 133 -11.64 -8.02 -21.15
C MET B 133 -12.53 -8.38 -22.35
N ALA B 134 -11.94 -8.75 -23.46
CA ALA B 134 -12.72 -9.05 -24.66
C ALA B 134 -13.51 -10.37 -24.46
N LEU B 135 -12.95 -11.28 -23.72
CA LEU B 135 -13.57 -12.60 -23.52
C LEU B 135 -14.78 -12.46 -22.57
N PHE B 136 -14.55 -11.79 -21.45
CA PHE B 136 -15.49 -11.78 -20.32
C PHE B 136 -16.39 -10.56 -20.30
N TYR B 137 -15.97 -9.42 -20.95
CA TYR B 137 -16.75 -8.19 -20.98
C TYR B 137 -16.88 -7.63 -22.37
N PRO B 138 -17.26 -8.45 -23.34
CA PRO B 138 -17.29 -7.99 -24.74
C PRO B 138 -18.25 -6.88 -24.98
N GLU B 139 -19.29 -6.80 -24.13
CA GLU B 139 -20.19 -5.67 -24.25
C GLU B 139 -19.55 -4.33 -23.92
N ARG B 140 -18.44 -4.31 -23.19
CA ARG B 140 -17.73 -3.07 -22.86
C ARG B 140 -16.51 -2.82 -23.77
N VAL B 141 -16.22 -3.77 -24.66
CA VAL B 141 -15.04 -3.66 -25.49
C VAL B 141 -15.52 -3.56 -26.93
N ARG B 142 -15.43 -2.39 -27.53
CA ARG B 142 -15.83 -2.16 -28.94
C ARG B 142 -14.96 -2.99 -29.87
N ALA B 143 -13.66 -3.09 -29.57
CA ALA B 143 -12.75 -3.90 -30.36
C ALA B 143 -11.49 -4.07 -29.56
N VAL B 144 -10.72 -5.11 -29.86
CA VAL B 144 -9.52 -5.48 -29.03
C VAL B 144 -8.29 -5.67 -29.93
N ALA B 145 -7.18 -5.09 -29.50
CA ALA B 145 -5.92 -5.25 -30.22
C ALA B 145 -4.81 -5.60 -29.21
N SER B 146 -3.98 -6.57 -29.57
CA SER B 146 -2.84 -6.93 -28.74
C SER B 146 -1.53 -6.85 -29.53
N LEU B 147 -0.54 -6.28 -28.88
CA LEU B 147 0.83 -6.32 -29.35
C LEU B 147 1.52 -7.44 -28.60
N ASN B 148 1.98 -8.44 -29.37
CA ASN B 148 2.83 -9.53 -28.93
C ASN B 148 2.13 -10.67 -28.18
N THR B 149 1.23 -10.33 -27.26
CA THR B 149 0.64 -11.30 -26.36
C THR B 149 -0.46 -11.97 -27.12
N PRO B 150 -0.38 -13.29 -27.24
CA PRO B 150 -1.46 -14.02 -27.89
C PRO B 150 -2.64 -14.24 -26.92
N PHE B 151 -3.78 -14.59 -27.47
CA PHE B 151 -4.88 -15.17 -26.68
C PHE B 151 -4.61 -16.67 -26.63
N ILE B 152 -4.59 -17.29 -25.45
CA ILE B 152 -4.47 -18.75 -25.34
C ILE B 152 -5.72 -19.33 -24.64
N PRO B 153 -6.47 -20.17 -25.31
CA PRO B 153 -7.59 -20.86 -24.60
C PRO B 153 -7.09 -21.67 -23.40
N ALA B 154 -7.75 -21.60 -22.26
CA ALA B 154 -7.27 -22.32 -21.10
C ALA B 154 -7.65 -23.78 -21.30
N ASN B 155 -6.81 -24.71 -20.83
CA ASN B 155 -7.21 -26.13 -20.82
C ASN B 155 -7.72 -26.55 -19.45
N PRO B 156 -8.97 -27.04 -19.37
CA PRO B 156 -9.45 -27.36 -18.00
C PRO B 156 -8.78 -28.54 -17.26
N ASN B 157 -7.84 -29.25 -17.90
CA ASN B 157 -6.99 -30.28 -17.24
C ASN B 157 -5.57 -29.84 -16.91
N MET B 158 -4.76 -29.62 -17.93
CA MET B 158 -3.38 -29.23 -17.74
C MET B 158 -3.36 -27.74 -17.34
N SER B 159 -3.00 -27.50 -16.09
CA SER B 159 -2.57 -26.18 -15.64
C SER B 159 -1.31 -25.80 -16.44
N PRO B 160 -1.20 -24.52 -16.86
CA PRO B 160 0.00 -24.12 -17.61
C PRO B 160 1.35 -24.28 -16.87
N LEU B 161 1.31 -24.52 -15.54
CA LEU B 161 2.50 -24.89 -14.74
C LEU B 161 3.52 -25.73 -15.53
N GLU B 162 3.07 -26.83 -16.13
CA GLU B 162 3.97 -27.76 -16.81
C GLU B 162 4.48 -27.17 -18.15
N SER B 163 3.59 -26.51 -18.89
CA SER B 163 3.95 -25.84 -20.16
C SER B 163 4.93 -24.66 -19.96
N ILE B 164 4.81 -23.98 -18.82
CA ILE B 164 5.73 -22.92 -18.42
C ILE B 164 7.10 -23.52 -18.10
N LYS B 165 7.12 -24.57 -17.27
CA LYS B 165 8.31 -25.40 -17.04
C LYS B 165 8.94 -25.96 -18.33
N ALA B 166 8.10 -26.39 -19.28
CA ALA B 166 8.58 -26.90 -20.58
C ALA B 166 9.43 -25.89 -21.39
N ASN B 167 8.99 -24.62 -21.46
CA ASN B 167 9.74 -23.56 -22.13
C ASN B 167 10.90 -23.01 -21.27
N PRO B 168 12.16 -23.21 -21.71
CA PRO B 168 13.31 -22.62 -21.01
C PRO B 168 13.32 -21.08 -20.86
N VAL B 169 12.89 -20.37 -21.89
CA VAL B 169 12.85 -18.87 -21.87
C VAL B 169 11.79 -18.26 -20.92
N PHE B 170 10.86 -19.08 -20.40
CA PHE B 170 9.95 -18.68 -19.30
C PHE B 170 10.56 -18.95 -17.89
N ASP B 171 11.85 -19.26 -17.78
CA ASP B 171 12.44 -19.50 -16.45
C ASP B 171 12.44 -18.26 -15.55
N TYR B 172 12.64 -17.10 -16.18
CA TYR B 172 12.51 -15.83 -15.51
C TYR B 172 11.15 -15.75 -14.77
N GLN B 173 10.06 -16.31 -15.32
CA GLN B 173 8.79 -16.31 -14.60
C GLN B 173 8.84 -17.07 -13.30
N LEU B 174 9.60 -18.15 -13.23
CA LEU B 174 9.71 -18.89 -11.99
C LEU B 174 10.55 -18.10 -10.99
N TYR B 175 11.56 -17.42 -11.47
CA TYR B 175 12.39 -16.53 -10.65
C TYR B 175 11.55 -15.39 -10.05
N PHE B 176 10.56 -14.92 -10.81
CA PHE B 176 9.60 -13.91 -10.31
C PHE B 176 8.60 -14.38 -9.26
N GLN B 177 8.47 -15.69 -9.00
CA GLN B 177 7.43 -16.16 -8.08
C GLN B 177 7.57 -15.77 -6.60
N GLU B 178 8.73 -16.02 -6.02
CA GLU B 178 8.95 -15.78 -4.60
C GLU B 178 8.99 -14.27 -4.28
N PRO B 179 8.05 -13.80 -3.42
CA PRO B 179 8.05 -12.37 -3.09
C PRO B 179 9.36 -11.89 -2.48
N GLY B 180 9.83 -10.75 -2.99
CA GLY B 180 11.04 -10.06 -2.53
C GLY B 180 12.31 -10.42 -3.27
N VAL B 181 12.33 -11.55 -3.98
CA VAL B 181 13.56 -11.95 -4.61
C VAL B 181 13.84 -11.11 -5.84
N ALA B 182 12.89 -11.07 -6.79
CA ALA B 182 13.13 -10.29 -7.99
C ALA B 182 13.06 -8.82 -7.67
N GLU B 183 12.27 -8.46 -6.67
CA GLU B 183 12.19 -7.06 -6.20
C GLU B 183 13.57 -6.47 -5.89
N ALA B 184 14.34 -7.18 -5.06
CA ALA B 184 15.71 -6.79 -4.69
C ALA B 184 16.61 -6.61 -5.91
N GLU B 185 16.63 -7.56 -6.85
CA GLU B 185 17.47 -7.34 -8.05
C GLU B 185 17.01 -6.11 -8.92
N LEU B 186 15.72 -6.01 -9.16
CA LEU B 186 15.19 -4.97 -10.01
C LEU B 186 15.33 -3.58 -9.39
N GLU B 187 15.18 -3.50 -8.07
CA GLU B 187 15.22 -2.23 -7.35
C GLU B 187 16.61 -1.72 -7.00
N GLN B 188 17.65 -2.54 -7.16
CA GLN B 188 18.95 -2.23 -6.60
C GLN B 188 19.55 -1.03 -7.28
N ASN B 189 19.32 -0.91 -8.58
CA ASN B 189 19.83 0.17 -9.37
C ASN B 189 18.89 0.38 -10.55
N LEU B 190 17.98 1.33 -10.36
CA LEU B 190 16.85 1.48 -11.27
C LEU B 190 17.31 1.79 -12.66
N SER B 191 18.29 2.67 -12.78
CA SER B 191 18.78 3.07 -14.08
C SER B 191 19.39 1.88 -14.87
N ARG B 192 20.09 1.01 -14.12
CA ARG B 192 20.68 -0.23 -14.70
C ARG B 192 19.59 -1.24 -15.08
N THR B 193 18.56 -1.33 -14.27
CA THR B 193 17.40 -2.11 -14.60
C THR B 193 16.83 -1.74 -15.97
N PHE B 194 16.49 -0.46 -16.16
CA PHE B 194 15.80 -0.04 -17.36
C PHE B 194 16.67 -0.02 -18.57
N LYS B 195 17.92 0.34 -18.37
CA LYS B 195 18.84 0.26 -19.44
C LYS B 195 19.15 -1.17 -19.84
N SER B 196 19.16 -2.10 -18.90
CA SER B 196 19.39 -3.51 -19.23
C SER B 196 18.17 -4.14 -19.93
N LEU B 197 16.97 -3.72 -19.52
CA LEU B 197 15.70 -4.24 -20.09
C LEU B 197 15.38 -3.70 -21.45
N PHE B 198 15.37 -2.37 -21.54
CA PHE B 198 14.87 -1.69 -22.72
C PHE B 198 15.91 -1.58 -23.85
N ARG B 199 16.04 -2.65 -24.62
CA ARG B 199 17.06 -2.70 -25.70
C ARG B 199 16.46 -3.42 -26.92
N ALA B 200 16.91 -3.10 -28.15
CA ALA B 200 16.49 -3.93 -29.31
C ALA B 200 16.97 -5.37 -29.04
N SER B 201 16.35 -6.39 -29.66
CA SER B 201 16.72 -7.78 -29.35
CA SER B 201 16.72 -7.80 -29.37
C SER B 201 18.21 -8.06 -29.61
N ASP B 202 18.72 -7.50 -30.67
CA ASP B 202 20.18 -7.62 -30.99
C ASP B 202 21.18 -7.01 -29.97
N GLU B 203 20.70 -6.12 -29.10
CA GLU B 203 21.50 -5.47 -28.13
C GLU B 203 21.28 -6.11 -26.78
N SER B 204 20.43 -7.12 -26.65
CA SER B 204 20.10 -7.59 -25.31
C SER B 204 21.24 -8.44 -24.77
N VAL B 205 21.52 -8.37 -23.48
CA VAL B 205 22.39 -9.40 -22.84
C VAL B 205 21.70 -10.01 -21.64
N LEU B 206 20.37 -9.96 -21.66
CA LEU B 206 19.60 -10.53 -20.58
C LEU B 206 19.80 -12.02 -20.53
N SER B 207 19.73 -12.54 -19.31
CA SER B 207 20.00 -13.94 -19.01
C SER B 207 18.67 -14.51 -18.53
N MET B 208 18.02 -15.29 -19.41
CA MET B 208 16.59 -15.70 -19.26
C MET B 208 16.30 -17.18 -18.94
N HIS B 209 17.29 -18.05 -19.17
CA HIS B 209 17.10 -19.51 -19.14
C HIS B 209 17.46 -20.16 -17.79
N LYS B 210 18.47 -19.64 -17.10
CA LYS B 210 18.99 -20.29 -15.91
C LYS B 210 18.82 -19.45 -14.64
N VAL B 211 17.87 -18.52 -14.66
CA VAL B 211 17.93 -17.30 -13.81
C VAL B 211 18.07 -17.56 -12.29
N CYS B 212 17.14 -18.35 -11.73
CA CYS B 212 17.12 -18.72 -10.28
C CYS B 212 18.50 -19.15 -9.78
N GLU B 213 19.16 -19.99 -10.58
CA GLU B 213 20.50 -20.49 -10.34
C GLU B 213 21.60 -19.53 -10.79
N ALA B 214 21.52 -19.05 -12.02
CA ALA B 214 22.64 -18.33 -12.67
C ALA B 214 22.96 -16.94 -12.12
N GLY B 215 22.20 -16.46 -11.12
CA GLY B 215 22.52 -15.22 -10.39
C GLY B 215 21.86 -13.93 -10.89
N GLY B 216 20.57 -14.04 -11.22
CA GLY B 216 19.74 -12.88 -11.59
C GLY B 216 19.73 -12.56 -13.07
N LEU B 217 18.65 -11.89 -13.48
CA LEU B 217 18.51 -11.35 -14.82
C LEU B 217 19.75 -10.63 -15.36
N PHE B 218 20.46 -9.93 -14.50
CA PHE B 218 21.43 -8.96 -14.99
C PHE B 218 22.91 -9.34 -14.89
N VAL B 219 23.23 -10.62 -14.63
CA VAL B 219 24.64 -11.11 -14.52
C VAL B 219 25.58 -10.64 -15.63
N ASN B 220 25.09 -10.64 -16.86
CA ASN B 220 25.91 -10.32 -18.03
C ASN B 220 25.83 -8.86 -18.41
N SER B 221 25.03 -8.09 -17.68
CA SER B 221 24.89 -6.71 -18.03
C SER B 221 26.02 -5.93 -17.41
N PRO B 222 26.67 -5.07 -18.19
CA PRO B 222 27.56 -4.14 -17.51
C PRO B 222 26.88 -3.48 -16.30
N GLU B 223 27.71 -3.13 -15.34
CA GLU B 223 27.31 -2.33 -14.23
C GLU B 223 26.70 -1.00 -14.71
N GLU B 224 27.32 -0.43 -15.74
CA GLU B 224 26.83 0.75 -16.40
C GLU B 224 26.51 0.40 -17.88
N PRO B 225 25.28 -0.12 -18.17
CA PRO B 225 25.08 -0.50 -19.58
C PRO B 225 25.03 0.73 -20.48
N SER B 226 25.38 0.56 -21.73
CA SER B 226 25.15 1.60 -22.68
C SER B 226 23.63 1.76 -22.88
N LEU B 227 23.28 2.81 -23.60
CA LEU B 227 21.95 3.19 -23.87
C LEU B 227 21.60 2.47 -25.16
N SER B 228 20.55 1.67 -25.15
CA SER B 228 19.99 1.14 -26.40
C SER B 228 19.72 2.28 -27.38
N ARG B 229 19.84 2.01 -28.68
CA ARG B 229 19.46 2.95 -29.76
C ARG B 229 17.98 3.34 -29.67
N MET B 230 17.16 2.50 -29.03
CA MET B 230 15.71 2.78 -28.94
C MET B 230 15.34 3.90 -27.99
N VAL B 231 16.19 4.25 -27.03
CA VAL B 231 15.82 5.20 -25.99
C VAL B 231 16.88 6.24 -25.72
N THR B 232 16.49 7.36 -25.08
CA THR B 232 17.40 8.39 -24.63
C THR B 232 17.55 8.26 -23.14
N GLU B 233 18.53 8.98 -22.57
CA GLU B 233 18.74 9.02 -21.10
C GLU B 233 17.51 9.63 -20.36
N GLU B 234 16.90 10.60 -20.97
CA GLU B 234 15.82 11.33 -20.33
C GLU B 234 14.63 10.39 -20.27
N GLU B 235 14.44 9.58 -21.32
CA GLU B 235 13.40 8.55 -21.30
C GLU B 235 13.60 7.52 -20.22
N ILE B 236 14.80 6.95 -20.18
CA ILE B 236 15.16 6.06 -19.06
C ILE B 236 14.89 6.72 -17.72
N GLN B 237 15.33 7.97 -17.53
CA GLN B 237 15.12 8.62 -16.22
C GLN B 237 13.66 8.83 -15.86
N PHE B 238 12.78 8.89 -16.85
CA PHE B 238 11.37 9.00 -16.50
C PHE B 238 10.89 7.71 -15.86
N TYR B 239 11.29 6.56 -16.42
CA TYR B 239 10.96 5.29 -15.83
C TYR B 239 11.55 5.16 -14.43
N VAL B 240 12.79 5.60 -14.25
CA VAL B 240 13.40 5.51 -12.90
C VAL B 240 12.51 6.25 -11.90
N GLN B 241 12.13 7.46 -12.25
CA GLN B 241 11.35 8.30 -11.34
C GLN B 241 10.03 7.64 -11.03
N GLN B 242 9.41 7.05 -12.04
CA GLN B 242 8.12 6.40 -11.80
C GLN B 242 8.24 5.27 -10.82
N PHE B 243 9.28 4.47 -10.95
CA PHE B 243 9.37 3.28 -10.15
C PHE B 243 9.85 3.53 -8.71
N LYS B 244 10.33 4.75 -8.43
CA LYS B 244 10.64 5.14 -7.05
C LYS B 244 9.42 5.20 -6.15
N LYS B 245 8.24 5.37 -6.70
CA LYS B 245 7.05 5.56 -5.88
C LYS B 245 6.63 4.26 -5.18
N SER B 246 6.49 3.17 -5.92
CA SER B 246 5.99 1.94 -5.40
C SER B 246 6.91 0.75 -5.71
N GLY B 247 8.01 0.91 -6.43
CA GLY B 247 8.91 -0.22 -6.64
C GLY B 247 8.29 -1.34 -7.49
N PHE B 248 8.74 -2.58 -7.29
CA PHE B 248 8.47 -3.65 -8.24
C PHE B 248 7.53 -4.68 -7.75
N ARG B 249 7.05 -4.58 -6.52
CA ARG B 249 6.18 -5.60 -5.97
C ARG B 249 4.82 -5.72 -6.65
N GLY B 250 4.16 -4.60 -6.87
CA GLY B 250 2.87 -4.61 -7.60
C GLY B 250 3.02 -5.19 -8.99
N PRO B 251 3.94 -4.62 -9.78
CA PRO B 251 4.25 -5.11 -11.13
C PRO B 251 4.55 -6.61 -11.17
N LEU B 252 5.45 -7.08 -10.30
CA LEU B 252 5.77 -8.50 -10.21
C LEU B 252 4.59 -9.36 -9.81
N ASN B 253 3.68 -8.82 -8.99
CA ASN B 253 2.46 -9.54 -8.63
C ASN B 253 1.61 -9.91 -9.84
N TRP B 254 1.75 -9.20 -10.95
CA TRP B 254 1.05 -9.59 -12.18
C TRP B 254 1.40 -11.05 -12.63
N TYR B 255 2.64 -11.45 -12.35
CA TYR B 255 3.20 -12.78 -12.70
C TYR B 255 2.91 -13.85 -11.66
N ARG B 256 2.29 -13.49 -10.55
CA ARG B 256 2.12 -14.38 -9.38
C ARG B 256 0.70 -14.91 -9.19
N ASN B 257 -0.08 -14.89 -10.27
CA ASN B 257 -1.44 -15.36 -10.17
C ASN B 257 -1.80 -16.41 -11.22
N MET B 258 -0.82 -17.16 -11.66
CA MET B 258 -1.03 -18.11 -12.77
C MET B 258 -2.21 -19.08 -12.48
N GLU B 259 -2.26 -19.67 -11.28
CA GLU B 259 -3.34 -20.66 -11.00
C GLU B 259 -4.71 -19.99 -10.96
N ARG B 260 -4.81 -18.83 -10.30
CA ARG B 260 -6.09 -18.09 -10.28
C ARG B 260 -6.53 -17.66 -11.67
N ASN B 261 -5.58 -17.19 -12.47
CA ASN B 261 -5.93 -16.77 -13.80
C ASN B 261 -6.44 -17.94 -14.65
N TRP B 262 -5.75 -19.07 -14.56
CA TRP B 262 -6.14 -20.32 -15.24
C TRP B 262 -7.53 -20.77 -14.82
N LYS B 263 -7.83 -20.77 -13.52
CA LYS B 263 -9.22 -21.11 -13.06
C LYS B 263 -10.30 -20.14 -13.56
N TRP B 264 -10.02 -18.85 -13.54
CA TRP B 264 -10.95 -17.86 -14.10
C TRP B 264 -11.12 -18.13 -15.59
N ALA B 265 -10.02 -18.30 -16.32
CA ALA B 265 -10.12 -18.53 -17.76
C ALA B 265 -10.89 -19.80 -18.14
N CYS B 266 -10.74 -20.87 -17.36
CA CYS B 266 -11.56 -22.09 -17.55
C CYS B 266 -13.07 -21.81 -17.47
N LYS B 267 -13.51 -20.85 -16.65
CA LYS B 267 -14.98 -20.51 -16.60
C LYS B 267 -15.53 -19.89 -17.87
N SER B 268 -14.66 -19.56 -18.82
CA SER B 268 -15.13 -19.11 -20.11
C SER B 268 -15.90 -20.24 -20.89
N LEU B 269 -15.72 -21.47 -20.46
CA LEU B 269 -16.38 -22.70 -21.06
C LEU B 269 -16.24 -22.73 -22.56
N GLY B 270 -15.05 -22.38 -23.06
CA GLY B 270 -14.80 -22.31 -24.50
C GLY B 270 -15.60 -21.31 -25.36
N ARG B 271 -16.21 -20.26 -24.76
CA ARG B 271 -16.88 -19.28 -25.59
C ARG B 271 -15.86 -18.66 -26.49
N LYS B 272 -16.31 -18.08 -27.58
CA LYS B 272 -15.43 -17.38 -28.48
C LYS B 272 -15.44 -15.87 -28.17
N ILE B 273 -14.48 -15.16 -28.73
CA ILE B 273 -14.49 -13.71 -28.72
C ILE B 273 -15.03 -13.33 -30.09
N LEU B 274 -16.17 -12.63 -30.09
CA LEU B 274 -16.95 -12.35 -31.25
C LEU B 274 -16.83 -10.90 -31.77
N ILE B 275 -16.11 -10.06 -31.07
CA ILE B 275 -15.91 -8.68 -31.46
C ILE B 275 -14.71 -8.50 -32.36
N PRO B 276 -14.54 -7.32 -32.96
CA PRO B 276 -13.38 -7.12 -33.87
C PRO B 276 -12.10 -7.17 -33.08
N ALA B 277 -11.13 -7.89 -33.59
CA ALA B 277 -9.90 -8.16 -32.92
C ALA B 277 -8.73 -8.09 -33.88
N LEU B 278 -7.57 -7.64 -33.38
CA LEU B 278 -6.30 -7.51 -34.08
C LEU B 278 -5.17 -8.13 -33.21
N MET B 279 -4.36 -9.05 -33.78
CA MET B 279 -3.18 -9.60 -33.16
C MET B 279 -1.95 -9.13 -33.91
N VAL B 280 -1.05 -8.41 -33.20
CA VAL B 280 0.24 -7.94 -33.82
C VAL B 280 1.41 -8.70 -33.26
N THR B 281 2.08 -9.43 -34.13
CA THR B 281 3.22 -10.19 -33.74
C THR B 281 4.48 -9.39 -34.04
N ALA B 282 5.54 -9.77 -33.33
CA ALA B 282 6.82 -9.08 -33.44
C ALA B 282 7.86 -10.13 -33.68
N GLU B 283 8.53 -10.02 -34.82
CA GLU B 283 9.48 -11.04 -35.32
C GLU B 283 10.53 -11.45 -34.31
N LYS B 284 11.09 -10.48 -33.61
CA LYS B 284 12.19 -10.71 -32.67
C LYS B 284 11.86 -10.61 -31.22
N ASP B 285 10.59 -10.75 -30.86
CA ASP B 285 10.29 -11.01 -29.45
C ASP B 285 10.52 -12.48 -29.16
N PHE B 286 11.52 -12.79 -28.35
CA PHE B 286 11.91 -14.16 -28.17
C PHE B 286 11.20 -14.84 -27.03
N VAL B 287 10.27 -14.13 -26.40
CA VAL B 287 9.48 -14.73 -25.32
CA VAL B 287 9.48 -14.65 -25.30
C VAL B 287 8.05 -14.85 -25.81
N LEU B 288 7.43 -13.75 -26.24
CA LEU B 288 6.12 -13.80 -26.87
C LEU B 288 6.37 -13.91 -28.34
N VAL B 289 6.65 -15.15 -28.75
CA VAL B 289 7.11 -15.46 -30.08
CA VAL B 289 7.07 -15.40 -30.12
C VAL B 289 5.87 -15.42 -31.01
N PRO B 290 6.05 -15.04 -32.29
CA PRO B 290 4.85 -15.02 -33.14
C PRO B 290 4.10 -16.32 -33.29
N GLN B 291 4.79 -17.46 -33.27
CA GLN B 291 4.09 -18.74 -33.50
C GLN B 291 3.13 -19.07 -32.36
N MET B 292 3.30 -18.48 -31.18
CA MET B 292 2.31 -18.62 -30.09
C MET B 292 0.90 -18.15 -30.40
N SER B 293 0.78 -17.25 -31.37
CA SER B 293 -0.53 -16.78 -31.86
C SER B 293 -1.22 -17.68 -32.90
N GLN B 294 -0.56 -18.78 -33.30
CA GLN B 294 -1.10 -19.61 -34.39
C GLN B 294 -2.44 -20.22 -33.91
N HIS B 295 -3.42 -20.28 -34.79
CA HIS B 295 -4.70 -20.88 -34.47
C HIS B 295 -5.60 -20.03 -33.54
N MET B 296 -5.27 -18.76 -33.33
CA MET B 296 -6.16 -17.84 -32.62
C MET B 296 -7.50 -17.61 -33.37
N GLU B 297 -7.47 -17.68 -34.69
CA GLU B 297 -8.70 -17.52 -35.42
C GLU B 297 -9.71 -18.64 -35.14
N ASP B 298 -9.31 -19.75 -34.49
CA ASP B 298 -10.27 -20.80 -34.12
C ASP B 298 -11.14 -20.38 -32.94
N TRP B 299 -10.76 -19.30 -32.27
CA TRP B 299 -11.49 -18.82 -31.12
C TRP B 299 -12.07 -17.45 -31.31
N ILE B 300 -11.70 -16.78 -32.41
CA ILE B 300 -11.85 -15.36 -32.65
C ILE B 300 -12.15 -15.21 -34.14
N PRO B 301 -13.44 -15.28 -34.51
CA PRO B 301 -13.83 -15.25 -35.91
C PRO B 301 -13.49 -13.98 -36.64
N HIS B 302 -13.51 -12.84 -35.98
CA HIS B 302 -13.23 -11.60 -36.72
C HIS B 302 -11.80 -11.11 -36.43
N LEU B 303 -10.84 -12.02 -36.39
CA LEU B 303 -9.44 -11.67 -36.06
C LEU B 303 -8.72 -11.11 -37.29
N LYS B 304 -8.13 -9.91 -37.20
CA LYS B 304 -7.20 -9.40 -38.22
C LYS B 304 -5.79 -9.52 -37.64
N ARG B 305 -4.80 -9.41 -38.52
CA ARG B 305 -3.41 -9.59 -38.11
C ARG B 305 -2.52 -8.52 -38.62
N GLY B 306 -1.44 -8.32 -37.89
CA GLY B 306 -0.36 -7.50 -38.29
C GLY B 306 0.92 -8.18 -37.90
N HIS B 307 2.02 -7.86 -38.59
CA HIS B 307 3.31 -8.43 -38.26
C HIS B 307 4.40 -7.39 -38.41
N ILE B 308 5.25 -7.24 -37.39
CA ILE B 308 6.33 -6.30 -37.49
C ILE B 308 7.69 -6.99 -37.48
N GLU B 309 8.42 -6.77 -38.58
CA GLU B 309 9.76 -7.31 -38.77
C GLU B 309 10.73 -6.53 -37.96
N ASP B 310 11.83 -7.16 -37.60
CA ASP B 310 12.95 -6.50 -36.89
C ASP B 310 12.48 -5.78 -35.62
N CYS B 311 11.50 -6.39 -34.94
CA CYS B 311 10.84 -5.80 -33.79
C CYS B 311 10.94 -6.79 -32.68
N GLY B 312 11.51 -6.29 -31.59
CA GLY B 312 11.68 -7.05 -30.38
C GLY B 312 10.48 -6.94 -29.46
N HIS B 313 10.71 -7.21 -28.19
CA HIS B 313 9.67 -7.18 -27.18
C HIS B 313 9.08 -5.80 -26.89
N TRP B 314 9.89 -4.75 -26.94
CA TRP B 314 9.42 -3.41 -26.53
C TRP B 314 8.85 -2.71 -27.74
N THR B 315 7.73 -3.26 -28.19
CA THR B 315 7.22 -3.04 -29.59
C THR B 315 6.97 -1.58 -29.90
N GLN B 316 6.27 -0.87 -29.02
CA GLN B 316 5.94 0.54 -29.22
C GLN B 316 7.12 1.48 -29.40
N MET B 317 8.15 1.16 -28.68
CA MET B 317 9.38 1.89 -28.65
C MET B 317 10.34 1.46 -29.75
N ASP B 318 10.26 0.21 -30.22
CA ASP B 318 11.24 -0.35 -31.17
C ASP B 318 10.77 0.03 -32.57
N LYS B 319 9.47 -0.13 -32.84
CA LYS B 319 8.95 0.22 -34.18
C LYS B 319 7.70 1.10 -34.09
N PRO B 320 7.85 2.31 -33.53
CA PRO B 320 6.68 3.16 -33.28
C PRO B 320 5.93 3.53 -34.56
N THR B 321 6.68 3.75 -35.63
CA THR B 321 6.04 4.08 -36.93
C THR B 321 5.15 2.97 -37.48
N GLU B 322 5.59 1.74 -37.35
CA GLU B 322 4.88 0.60 -37.92
C GLU B 322 3.70 0.34 -37.02
N VAL B 323 3.93 0.46 -35.71
CA VAL B 323 2.78 0.30 -34.75
C VAL B 323 1.65 1.32 -35.04
N ASN B 324 2.01 2.58 -35.20
CA ASN B 324 1.04 3.62 -35.46
C ASN B 324 0.26 3.30 -36.71
N GLN B 325 0.95 2.98 -37.77
CA GLN B 325 0.29 2.65 -39.02
C GLN B 325 -0.61 1.46 -38.93
N ILE B 326 -0.15 0.44 -38.23
CA ILE B 326 -0.94 -0.76 -38.09
C ILE B 326 -2.22 -0.50 -37.29
N LEU B 327 -2.10 0.20 -36.17
CA LEU B 327 -3.24 0.50 -35.32
C LEU B 327 -4.28 1.42 -35.98
N ILE B 328 -3.82 2.51 -36.56
CA ILE B 328 -4.68 3.47 -37.14
C ILE B 328 -5.45 2.83 -38.28
N LYS B 329 -4.76 2.06 -39.13
CA LYS B 329 -5.47 1.42 -40.25
C LYS B 329 -6.59 0.51 -39.79
N TRP B 330 -6.32 -0.27 -38.74
CA TRP B 330 -7.28 -1.20 -38.21
C TRP B 330 -8.37 -0.46 -37.44
N LEU B 331 -8.00 0.55 -36.67
CA LEU B 331 -9.03 1.33 -36.03
C LEU B 331 -10.03 1.93 -37.03
N ASP B 332 -9.50 2.54 -38.09
CA ASP B 332 -10.36 3.19 -39.10
C ASP B 332 -11.26 2.20 -39.88
N SER B 333 -10.82 0.96 -40.09
CA SER B 333 -11.62 -0.06 -40.77
C SER B 333 -12.54 -0.90 -39.88
N ASP B 334 -12.08 -1.34 -38.69
CA ASP B 334 -12.86 -2.34 -37.88
C ASP B 334 -13.32 -1.88 -36.52
#